data_2OA9
#
_entry.id   2OA9
#
_cell.length_a   58.499
_cell.length_b   63.281
_cell.length_c   71.892
_cell.angle_alpha   90.00
_cell.angle_beta   100.77
_cell.angle_gamma   90.00
#
_symmetry.space_group_name_H-M   'P 1 21 1'
#
loop_
_entity.id
_entity.type
_entity.pdbx_description
1 polymer R.MvaI
2 non-polymer 'CHLORIDE ION'
3 non-polymer 'CADMIUM ION'
4 non-polymer 'ACETATE ION'
5 water water
#
_entity_poly.entity_id   1
_entity_poly.type   'polypeptide(L)'
_entity_poly.pdbx_seq_one_letter_code
;MKSMSEYLNLLKEAIQNVVDGGWHETKRKGNTGIGKTFEDLLEKEEDNLDAPDFHDIEIKTHETAAKSLLTLFTKSPTNP
RGANTMLRNRYGKKDEYGNNILHQTVSGNRKTNSNSYNYDFKIDIDWESQVVRLEVFDKQDIMIDNSVYWSFDSLQNQLD
KKLKYIAVISAESKIENEKKYYKYNSANLFTDLTVQSLCRGIENGDIKVDIRIGAYHSGKKKGKTHDHGTAFRINMEKLL
EYGEVKVIV
;
_entity_poly.pdbx_strand_id   A,B
#
loop_
_chem_comp.id
_chem_comp.type
_chem_comp.name
_chem_comp.formula
ACT non-polymer 'ACETATE ION' 'C2 H3 O2 -1'
CD non-polymer 'CADMIUM ION' 'Cd 2'
CL non-polymer 'CHLORIDE ION' 'Cl -1'
#
# COMPACT_ATOMS: atom_id res chain seq x y z
N MET A 1 -13.29 31.16 -9.09
CA MET A 1 -13.40 30.01 -10.05
C MET A 1 -13.48 28.67 -9.29
N LYS A 2 -12.89 28.57 -8.10
CA LYS A 2 -12.76 27.26 -7.44
C LYS A 2 -13.98 26.91 -6.54
N SER A 3 -14.41 25.65 -6.60
CA SER A 3 -15.43 25.12 -5.68
C SER A 3 -15.01 23.80 -5.10
N MET A 4 -15.51 23.51 -3.91
CA MET A 4 -15.25 22.25 -3.27
C MET A 4 -16.33 21.90 -2.26
N SER A 5 -16.31 20.65 -1.81
CA SER A 5 -17.24 20.22 -0.77
C SER A 5 -17.10 21.10 0.48
N GLU A 6 -18.22 21.60 1.03
CA GLU A 6 -18.17 22.37 2.28
C GLU A 6 -17.66 21.51 3.41
N TYR A 7 -18.11 20.28 3.48
CA TYR A 7 -17.71 19.41 4.58
C TYR A 7 -16.22 19.10 4.53
N LEU A 8 -15.76 18.74 3.34
CA LEU A 8 -14.37 18.46 3.16
C LEU A 8 -13.50 19.66 3.46
N ASN A 9 -13.93 20.86 3.09
CA ASN A 9 -13.17 22.05 3.42
C ASN A 9 -12.93 22.14 4.93
N LEU A 10 -13.97 21.90 5.70
CA LEU A 10 -13.88 21.96 7.18
C LEU A 10 -13.01 20.83 7.76
N LEU A 11 -13.18 19.62 7.25
CA LEU A 11 -12.40 18.49 7.70
C LEU A 11 -10.93 18.70 7.41
N LYS A 12 -10.59 19.16 6.20
CA LYS A 12 -9.20 19.44 5.86
C LYS A 12 -8.64 20.53 6.77
N GLU A 13 -9.42 21.58 7.00
CA GLU A 13 -8.99 22.65 7.91
C GLU A 13 -8.71 22.12 9.31
N ALA A 14 -9.59 21.26 9.80
CA ALA A 14 -9.44 20.67 11.12
C ALA A 14 -8.15 19.85 11.19
N ILE A 15 -7.92 18.99 10.21
CA ILE A 15 -6.70 18.16 10.19
C ILE A 15 -5.45 19.03 10.03
N GLN A 16 -5.51 20.06 9.20
CA GLN A 16 -4.42 20.97 9.02
C GLN A 16 -4.08 21.69 10.33
N ASN A 17 -5.09 22.06 11.11
CA ASN A 17 -4.86 22.70 12.38
C ASN A 17 -4.25 21.77 13.40
N VAL A 18 -4.64 20.50 13.40
CA VAL A 18 -4.02 19.56 14.32
C VAL A 18 -2.55 19.36 13.92
N VAL A 19 -2.28 19.14 12.64
CA VAL A 19 -0.90 18.89 12.19
C VAL A 19 -0.01 20.09 12.52
N ASP A 20 -0.50 21.29 12.22
CA ASP A 20 0.29 22.50 12.43
C ASP A 20 0.34 22.97 13.87
N GLY A 21 -0.28 22.21 14.76
CA GLY A 21 -0.35 22.62 16.15
C GLY A 21 0.84 22.22 16.99
N GLY A 22 1.87 21.65 16.37
CA GLY A 22 3.07 21.29 17.12
C GLY A 22 2.83 20.21 18.16
N TRP A 23 3.52 20.31 19.27
CA TRP A 23 3.42 19.30 20.32
C TRP A 23 2.11 19.45 21.08
N HIS A 24 1.38 18.35 21.22
CA HIS A 24 0.11 18.30 21.93
C HIS A 24 0.27 17.39 23.13
N GLU A 25 -0.09 17.88 24.31
CA GLU A 25 -0.06 17.09 25.53
C GLU A 25 -1.13 15.99 25.49
N THR A 26 -0.84 14.84 26.07
CA THR A 26 -1.79 13.71 26.09
C THR A 26 -1.62 12.78 27.31
N LYS A 27 -2.72 12.13 27.69
CA LYS A 27 -2.72 11.09 28.73
C LYS A 27 -2.76 9.64 28.18
N ARG A 28 -2.45 9.48 26.88
CA ARG A 28 -2.12 8.18 26.24
C ARG A 28 -2.57 6.89 26.94
N THR A 32 -2.03 2.39 20.77
CA THR A 32 -3.20 3.16 20.34
C THR A 32 -3.08 4.68 20.54
N GLY A 33 -2.09 5.12 21.33
CA GLY A 33 -1.99 6.50 21.79
C GLY A 33 -1.92 7.57 20.70
N ILE A 34 -1.16 7.33 19.64
CA ILE A 34 -0.97 8.29 18.57
C ILE A 34 -2.31 8.58 17.91
N GLY A 35 -3.01 7.52 17.52
CA GLY A 35 -4.28 7.68 16.85
C GLY A 35 -5.36 8.27 17.75
N LYS A 36 -5.47 7.79 18.98
CA LYS A 36 -6.53 8.26 19.86
C LYS A 36 -6.34 9.74 20.24
N THR A 37 -5.10 10.15 20.43
CA THR A 37 -4.83 11.55 20.71
C THR A 37 -5.26 12.37 19.50
N PHE A 38 -4.98 11.90 18.30
CA PHE A 38 -5.41 12.63 17.10
C PHE A 38 -6.94 12.77 17.05
N GLU A 39 -7.64 11.68 17.38
CA GLU A 39 -9.10 11.67 17.47
C GLU A 39 -9.59 12.70 18.47
N ASP A 40 -8.95 12.79 19.63
CA ASP A 40 -9.28 13.82 20.63
C ASP A 40 -9.11 15.26 20.13
N LEU A 41 -8.04 15.50 19.38
CA LEU A 41 -7.73 16.83 18.94
C LEU A 41 -8.71 17.24 17.83
N LEU A 42 -9.10 16.26 17.03
CA LEU A 42 -10.03 16.50 15.95
C LEU A 42 -11.40 16.85 16.53
N GLU A 43 -11.78 16.18 17.63
CA GLU A 43 -13.00 16.49 18.33
C GLU A 43 -13.00 17.95 18.82
N LYS A 44 -11.86 18.45 19.31
CA LYS A 44 -11.75 19.85 19.72
C LYS A 44 -11.87 20.84 18.56
N GLU A 45 -11.39 20.46 17.37
CA GLU A 45 -11.64 21.28 16.20
C GLU A 45 -13.09 21.46 15.74
N GLU A 46 -13.97 20.52 16.03
CA GLU A 46 -15.42 20.76 15.74
C GLU A 46 -15.90 22.09 16.33
N ASP A 47 -15.62 22.31 17.61
CA ASP A 47 -16.01 23.54 18.29
C ASP A 47 -15.31 24.77 17.74
N ASN A 48 -13.99 24.66 17.53
CA ASN A 48 -13.20 25.78 17.05
C ASN A 48 -13.55 26.24 15.65
N LEU A 49 -14.12 25.33 14.85
CA LEU A 49 -14.53 25.62 13.49
C LEU A 49 -16.04 25.71 13.35
N ASP A 50 -16.76 25.43 14.44
CA ASP A 50 -18.21 25.27 14.40
C ASP A 50 -18.56 24.46 13.18
N ALA A 51 -18.04 23.24 13.18
CA ALA A 51 -18.20 22.28 12.12
C ALA A 51 -19.18 21.21 12.57
N PRO A 52 -19.80 20.52 11.63
CA PRO A 52 -20.55 19.31 11.96
C PRO A 52 -19.58 18.25 12.41
N ASP A 53 -20.09 17.15 12.90
CA ASP A 53 -19.27 16.17 13.56
C ASP A 53 -18.36 15.50 12.57
N PHE A 54 -17.12 15.33 12.98
CA PHE A 54 -16.12 14.58 12.24
C PHE A 54 -16.09 13.20 12.89
N HIS A 55 -17.21 12.51 12.84
CA HIS A 55 -17.30 11.20 13.47
C HIS A 55 -17.12 10.13 12.41
N ASP A 56 -16.81 8.92 12.87
CA ASP A 56 -16.71 7.76 11.98
C ASP A 56 -15.66 7.99 10.89
N ILE A 57 -14.59 8.70 11.27
CA ILE A 57 -13.38 8.75 10.46
C ILE A 57 -12.37 7.84 11.15
N GLU A 58 -11.97 6.77 10.48
CA GLU A 58 -10.99 5.90 11.08
C GLU A 58 -9.60 6.56 10.99
N ILE A 59 -8.88 6.47 12.09
CA ILE A 59 -7.57 7.06 12.24
C ILE A 59 -6.58 5.95 12.58
N LYS A 60 -5.55 5.80 11.77
CA LYS A 60 -4.46 4.85 12.05
C LYS A 60 -3.13 5.45 11.67
N THR A 61 -2.03 4.98 12.26
CA THR A 61 -0.71 5.30 11.75
C THR A 61 -0.38 4.44 10.55
N HIS A 62 0.68 4.81 9.83
CA HIS A 62 1.10 3.99 8.67
C HIS A 62 1.46 2.61 9.19
N GLU A 63 2.08 2.54 10.36
CA GLU A 63 2.46 1.27 10.94
C GLU A 63 1.26 0.38 11.28
N THR A 64 0.24 0.96 11.88
CA THR A 64 -0.92 0.18 12.26
C THR A 64 -1.73 -0.14 11.00
N ALA A 65 -1.84 0.80 10.07
CA ALA A 65 -2.55 0.57 8.81
C ALA A 65 -1.99 -0.65 8.07
N ALA A 66 -0.69 -0.88 8.12
CA ALA A 66 -0.09 -1.97 7.40
C ALA A 66 -0.55 -3.32 7.96
N LYS A 67 -0.94 -3.34 9.21
CA LYS A 67 -1.40 -4.56 9.88
C LYS A 67 -2.91 -4.69 9.88
N SER A 68 -3.63 -3.79 9.22
CA SER A 68 -5.09 -3.69 9.36
C SER A 68 -5.80 -4.09 8.07
N LEU A 69 -6.85 -4.86 8.20
CA LEU A 69 -7.69 -5.23 7.05
C LEU A 69 -9.02 -4.46 7.19
N LEU A 70 -9.33 -3.67 6.17
CA LEU A 70 -10.52 -2.85 6.12
C LEU A 70 -11.57 -3.58 5.28
N THR A 71 -12.80 -3.68 5.77
CA THR A 71 -13.96 -4.02 4.97
C THR A 71 -14.59 -2.76 4.42
N LEU A 72 -14.54 -2.59 3.12
CA LEU A 72 -15.11 -1.43 2.45
C LEU A 72 -16.62 -1.43 2.55
N PHE A 73 -17.20 -2.60 2.29
CA PHE A 73 -18.64 -2.82 2.34
C PHE A 73 -18.93 -4.30 2.20
N THR A 74 -20.17 -4.68 2.46
CA THR A 74 -20.66 -6.02 2.21
C THR A 74 -21.81 -5.91 1.22
N LYS A 75 -21.89 -6.88 0.32
CA LYS A 75 -22.93 -6.88 -0.70
C LYS A 75 -23.00 -8.22 -1.38
N SER A 76 -24.21 -8.76 -1.39
CA SER A 76 -24.54 -9.99 -2.09
C SER A 76 -24.56 -9.82 -3.61
N PRO A 77 -24.32 -10.90 -4.35
CA PRO A 77 -24.38 -10.81 -5.81
C PRO A 77 -25.68 -10.21 -6.40
N THR A 78 -25.50 -9.47 -7.46
CA THR A 78 -26.64 -8.94 -8.24
C THR A 78 -27.45 -10.09 -8.83
N ASN A 79 -26.74 -11.12 -9.33
CA ASN A 79 -27.30 -12.20 -10.18
C ASN A 79 -26.67 -13.52 -9.90
N PRO A 80 -27.39 -14.61 -10.00
CA PRO A 80 -28.86 -14.63 -10.11
C PRO A 80 -29.48 -14.30 -8.78
N ARG A 81 -30.81 -14.22 -8.74
CA ARG A 81 -31.51 -14.15 -7.46
C ARG A 81 -31.18 -15.40 -6.64
N GLY A 82 -30.99 -15.20 -5.35
CA GLY A 82 -30.68 -16.34 -4.47
C GLY A 82 -29.31 -16.94 -4.75
N ALA A 83 -28.41 -16.15 -5.35
CA ALA A 83 -27.07 -16.63 -5.63
C ALA A 83 -26.36 -17.21 -4.39
N ASN A 84 -26.46 -16.56 -3.23
CA ASN A 84 -25.66 -17.02 -2.08
C ASN A 84 -26.13 -18.38 -1.57
N THR A 85 -27.43 -18.65 -1.65
CA THR A 85 -27.97 -19.95 -1.36
C THR A 85 -27.51 -21.03 -2.34
N MET A 86 -27.51 -20.70 -3.65
CA MET A 86 -26.97 -21.67 -4.61
C MET A 86 -25.52 -21.98 -4.33
N LEU A 87 -24.72 -20.96 -4.04
CA LEU A 87 -23.31 -21.15 -3.86
C LEU A 87 -23.03 -22.06 -2.69
N ARG A 88 -23.72 -21.84 -1.58
CA ARG A 88 -23.43 -22.65 -0.42
C ARG A 88 -23.86 -24.11 -0.63
N ASN A 89 -25.06 -24.29 -1.19
CA ASN A 89 -25.61 -25.62 -1.34
C ASN A 89 -24.84 -26.40 -2.42
N ARG A 90 -24.51 -25.75 -3.52
CA ARG A 90 -23.86 -26.45 -4.64
C ARG A 90 -22.37 -26.64 -4.38
N TYR A 91 -21.67 -25.58 -3.98
CA TYR A 91 -20.19 -25.59 -3.92
C TYR A 91 -19.63 -25.63 -2.52
N GLY A 92 -20.46 -25.53 -1.49
CA GLY A 92 -19.99 -25.45 -0.11
C GLY A 92 -19.74 -26.82 0.50
N LYS A 93 -19.57 -26.85 1.82
CA LYS A 93 -19.26 -28.08 2.53
C LYS A 93 -20.19 -28.20 3.71
N LYS A 94 -20.35 -29.41 4.25
CA LYS A 94 -21.21 -29.62 5.38
C LYS A 94 -20.57 -29.10 6.67
N ASP A 95 -21.35 -28.40 7.49
CA ASP A 95 -20.89 -27.96 8.81
C ASP A 95 -21.21 -29.00 9.90
N GLU A 96 -20.99 -28.63 11.15
CA GLU A 96 -21.28 -29.51 12.31
C GLU A 96 -22.62 -30.21 12.16
N TYR A 97 -23.59 -29.42 11.72
CA TYR A 97 -25.01 -29.77 11.74
C TYR A 97 -25.60 -30.33 10.45
N GLY A 98 -24.79 -30.61 9.42
CA GLY A 98 -25.32 -31.20 8.20
C GLY A 98 -25.81 -30.17 7.16
N ASN A 99 -25.55 -28.89 7.45
CA ASN A 99 -25.95 -27.79 6.58
C ASN A 99 -24.77 -27.29 5.79
N ASN A 100 -24.98 -27.03 4.51
CA ASN A 100 -23.90 -26.49 3.73
C ASN A 100 -23.52 -25.03 4.03
N ILE A 101 -22.22 -24.75 4.04
CA ILE A 101 -21.69 -23.43 4.26
C ILE A 101 -20.57 -23.20 3.26
N LEU A 102 -20.30 -21.93 2.99
CA LEU A 102 -19.18 -21.55 2.14
C LEU A 102 -18.48 -20.33 2.71
N HIS A 103 -17.28 -20.53 3.22
CA HIS A 103 -16.46 -19.45 3.75
C HIS A 103 -15.14 -19.52 2.97
N GLN A 104 -14.89 -18.54 2.11
CA GLN A 104 -13.68 -18.52 1.28
C GLN A 104 -13.34 -17.11 0.84
N THR A 105 -12.09 -16.74 1.00
CA THR A 105 -11.56 -15.49 0.45
C THR A 105 -11.12 -15.71 -1.02
N VAL A 106 -11.62 -14.91 -1.92
CA VAL A 106 -11.36 -15.09 -3.34
C VAL A 106 -10.69 -13.83 -3.88
N SER A 107 -9.73 -13.97 -4.78
CA SER A 107 -9.16 -12.80 -5.40
C SER A 107 -9.27 -12.88 -6.91
N GLY A 108 -8.77 -11.86 -7.60
CA GLY A 108 -8.84 -11.78 -9.04
C GLY A 108 -7.57 -12.09 -9.76
N ASN A 109 -6.50 -12.45 -9.04
CA ASN A 109 -5.21 -12.69 -9.67
C ASN A 109 -4.84 -14.18 -9.77
N ARG A 110 -5.38 -14.98 -8.86
CA ARG A 110 -5.11 -16.41 -8.80
C ARG A 110 -6.42 -17.09 -8.44
N LYS A 111 -6.55 -18.35 -8.83
CA LYS A 111 -7.58 -19.22 -8.28
C LYS A 111 -7.20 -19.60 -6.85
N THR A 112 -8.20 -19.91 -6.05
CA THR A 112 -7.99 -20.48 -4.72
C THR A 112 -7.53 -21.91 -4.89
N ASN A 113 -6.98 -22.47 -3.81
CA ASN A 113 -6.60 -23.89 -3.81
C ASN A 113 -6.82 -24.57 -2.44
N SER A 114 -8.02 -24.44 -1.89
CA SER A 114 -8.32 -24.99 -0.55
C SER A 114 -8.63 -26.48 -0.62
N ASN A 115 -8.06 -27.22 0.31
CA ASN A 115 -8.39 -28.63 0.45
C ASN A 115 -9.71 -28.90 1.17
N SER A 116 -10.40 -27.86 1.62
CA SER A 116 -11.59 -28.09 2.42
C SER A 116 -12.85 -28.09 1.55
N TYR A 117 -12.72 -27.65 0.29
CA TYR A 117 -13.86 -27.62 -0.63
C TYR A 117 -13.51 -28.39 -1.87
N ASN A 118 -14.53 -28.84 -2.60
CA ASN A 118 -14.31 -29.58 -3.85
C ASN A 118 -14.31 -28.67 -5.09
N TYR A 119 -14.32 -27.35 -4.83
CA TYR A 119 -14.32 -26.33 -5.90
C TYR A 119 -13.31 -25.25 -5.57
N ASP A 120 -12.74 -24.64 -6.61
CA ASP A 120 -11.85 -23.48 -6.51
C ASP A 120 -12.52 -22.27 -7.16
N PHE A 121 -12.05 -21.09 -6.80
CA PHE A 121 -12.76 -19.87 -7.11
C PHE A 121 -11.78 -18.80 -7.59
N LYS A 122 -12.25 -17.93 -8.49
CA LYS A 122 -11.51 -16.73 -8.90
C LYS A 122 -12.51 -15.63 -9.24
N ILE A 123 -12.14 -14.37 -9.05
CA ILE A 123 -12.95 -13.26 -9.56
C ILE A 123 -12.40 -12.83 -10.92
N ASP A 124 -13.29 -12.60 -11.87
CA ASP A 124 -12.92 -12.03 -13.17
C ASP A 124 -13.77 -10.80 -13.45
N ILE A 125 -13.13 -9.75 -13.94
CA ILE A 125 -13.87 -8.54 -14.28
C ILE A 125 -14.30 -8.61 -15.74
N ASP A 126 -15.62 -8.61 -15.95
CA ASP A 126 -16.20 -8.57 -17.29
C ASP A 126 -16.44 -7.10 -17.61
N TRP A 127 -15.40 -6.43 -18.07
CA TRP A 127 -15.44 -4.97 -18.25
C TRP A 127 -16.50 -4.53 -19.26
N GLU A 128 -16.66 -5.31 -20.33
CA GLU A 128 -17.61 -4.95 -21.39
C GLU A 128 -19.06 -5.02 -20.93
N SER A 129 -19.38 -6.01 -20.12
CA SER A 129 -20.72 -6.13 -19.55
C SER A 129 -20.87 -5.35 -18.23
N GLN A 130 -19.78 -4.76 -17.75
CA GLN A 130 -19.77 -4.03 -16.49
C GLN A 130 -20.29 -4.88 -15.36
N VAL A 131 -19.78 -6.10 -15.26
CA VAL A 131 -20.07 -6.94 -14.09
C VAL A 131 -18.78 -7.59 -13.58
N VAL A 132 -18.78 -7.94 -12.31
CA VAL A 132 -17.70 -8.66 -11.65
C VAL A 132 -18.20 -10.07 -11.43
N ARG A 133 -17.56 -11.05 -12.04
CA ARG A 133 -18.00 -12.44 -12.02
C ARG A 133 -17.22 -13.29 -11.06
N LEU A 134 -17.93 -14.19 -10.39
CA LEU A 134 -17.33 -15.31 -9.66
C LEU A 134 -17.19 -16.52 -10.57
N GLU A 135 -15.95 -16.90 -10.87
CA GLU A 135 -15.66 -18.12 -11.56
C GLU A 135 -15.45 -19.30 -10.62
N VAL A 136 -16.06 -20.43 -10.98
CA VAL A 136 -15.99 -21.64 -10.17
C VAL A 136 -15.37 -22.73 -11.01
N PHE A 137 -14.40 -23.41 -10.42
CA PHE A 137 -13.64 -24.46 -11.07
C PHE A 137 -13.77 -25.72 -10.27
N ASP A 138 -13.88 -26.85 -10.95
CA ASP A 138 -13.67 -28.11 -10.25
C ASP A 138 -12.18 -28.41 -10.15
N LYS A 139 -11.88 -29.48 -9.45
CA LYS A 139 -10.48 -29.80 -9.11
C LYS A 139 -9.73 -30.34 -10.31
N GLN A 140 -10.44 -30.62 -11.39
CA GLN A 140 -9.83 -30.94 -12.68
C GLN A 140 -9.64 -29.70 -13.58
N ASP A 141 -9.70 -28.50 -12.99
CA ASP A 141 -9.47 -27.21 -13.68
C ASP A 141 -10.51 -26.87 -14.75
N ILE A 142 -11.68 -27.49 -14.68
CA ILE A 142 -12.77 -27.12 -15.56
C ILE A 142 -13.49 -25.92 -14.92
N MET A 143 -13.61 -24.82 -15.65
CA MET A 143 -14.44 -23.67 -15.20
C MET A 143 -15.89 -23.99 -15.51
N ILE A 144 -16.63 -24.35 -14.47
CA ILE A 144 -17.96 -24.94 -14.62
C ILE A 144 -19.04 -23.88 -14.55
N ASP A 145 -18.71 -22.68 -14.09
CA ASP A 145 -19.75 -21.68 -13.83
C ASP A 145 -19.13 -20.33 -13.66
N ASN A 146 -19.64 -19.34 -14.39
CA ASN A 146 -19.28 -17.93 -14.16
C ASN A 146 -20.54 -17.06 -14.18
N SER A 147 -21.66 -17.63 -13.79
CA SER A 147 -22.95 -16.94 -13.80
C SER A 147 -23.21 -15.96 -12.68
N VAL A 148 -22.53 -16.12 -11.56
CA VAL A 148 -22.75 -15.30 -10.39
C VAL A 148 -21.97 -14.00 -10.56
N TYR A 149 -22.63 -12.86 -10.37
CA TYR A 149 -21.95 -11.58 -10.58
C TYR A 149 -22.52 -10.47 -9.76
N TRP A 150 -21.73 -9.42 -9.63
CA TRP A 150 -22.11 -8.14 -9.04
C TRP A 150 -22.07 -7.13 -10.14
N SER A 151 -23.13 -6.38 -10.37
CA SER A 151 -23.03 -5.32 -11.36
C SER A 151 -22.16 -4.17 -10.90
N PHE A 152 -21.53 -3.47 -11.85
CA PHE A 152 -20.76 -2.29 -11.49
C PHE A 152 -21.65 -1.27 -10.78
N ASP A 153 -22.91 -1.12 -11.21
CA ASP A 153 -23.78 -0.11 -10.60
C ASP A 153 -24.07 -0.43 -9.14
N SER A 154 -24.21 -1.71 -8.81
CA SER A 154 -24.45 -2.11 -7.44
C SER A 154 -23.25 -1.76 -6.58
N LEU A 155 -22.07 -1.99 -7.11
CA LEU A 155 -20.84 -1.74 -6.37
C LEU A 155 -20.63 -0.26 -6.21
N GLN A 156 -20.93 0.50 -7.25
CA GLN A 156 -20.90 1.96 -7.19
C GLN A 156 -21.82 2.51 -6.10
N ASN A 157 -23.03 1.95 -6.01
CA ASN A 157 -24.00 2.35 -5.02
C ASN A 157 -23.49 2.05 -3.61
N GLN A 158 -22.85 0.90 -3.40
CA GLN A 158 -22.27 0.57 -2.11
C GLN A 158 -21.19 1.54 -1.71
N LEU A 159 -20.34 1.88 -2.67
CA LEU A 159 -19.26 2.82 -2.42
C LEU A 159 -19.83 4.20 -2.05
N ASP A 160 -20.80 4.68 -2.84
CA ASP A 160 -21.50 5.93 -2.57
C ASP A 160 -22.14 5.96 -1.18
N LYS A 161 -22.72 4.85 -0.75
CA LYS A 161 -23.46 4.79 0.51
C LYS A 161 -22.58 4.53 1.72
N LYS A 162 -21.47 3.79 1.54
CA LYS A 162 -20.78 3.15 2.66
C LYS A 162 -19.37 3.67 2.90
N LEU A 163 -18.74 4.29 1.90
CA LEU A 163 -17.37 4.76 2.10
C LEU A 163 -17.35 5.84 3.15
N LYS A 164 -16.30 5.82 3.97
CA LYS A 164 -16.08 6.85 4.97
C LYS A 164 -14.69 7.39 4.74
N TYR A 165 -14.44 8.60 5.23
CA TYR A 165 -13.10 9.14 5.30
C TYR A 165 -12.20 8.32 6.23
N ILE A 166 -10.94 8.20 5.85
CA ILE A 166 -9.92 7.59 6.72
C ILE A 166 -8.70 8.51 6.66
N ALA A 167 -8.02 8.64 7.79
CA ALA A 167 -6.74 9.35 7.84
C ALA A 167 -5.65 8.41 8.33
N VAL A 168 -4.59 8.30 7.55
CA VAL A 168 -3.40 7.55 7.93
C VAL A 168 -2.30 8.57 8.26
N ILE A 169 -1.81 8.51 9.47
CA ILE A 169 -1.03 9.58 10.08
C ILE A 169 0.32 9.09 10.57
N SER A 170 1.23 10.00 10.89
CA SER A 170 2.39 9.64 11.70
C SER A 170 2.76 10.74 12.64
N ALA A 171 3.51 10.39 13.69
CA ALA A 171 3.86 11.38 14.68
C ALA A 171 5.17 11.05 15.34
N GLU A 172 5.77 12.10 15.89
CA GLU A 172 6.88 12.03 16.84
C GLU A 172 6.33 12.09 18.25
N SER A 173 7.08 11.59 19.23
CA SER A 173 6.69 11.76 20.63
C SER A 173 7.85 12.22 21.47
N LYS A 174 7.55 12.82 22.62
CA LYS A 174 8.58 13.14 23.60
C LYS A 174 7.99 13.19 25.01
N ILE A 175 8.88 13.12 26.00
CA ILE A 175 8.53 13.37 27.40
C ILE A 175 9.22 14.66 27.83
N GLU A 176 8.45 15.55 28.48
CA GLU A 176 8.98 16.79 29.05
C GLU A 176 8.25 17.09 30.36
N ASN A 177 9.02 17.21 31.45
CA ASN A 177 8.45 17.51 32.77
C ASN A 177 7.41 16.48 33.18
N GLU A 178 7.74 15.19 33.03
CA GLU A 178 6.85 14.07 33.37
C GLU A 178 5.56 13.96 32.50
N LYS A 179 5.42 14.80 31.48
CA LYS A 179 4.23 14.84 30.63
C LYS A 179 4.54 14.36 29.21
N LYS A 180 3.60 13.66 28.58
CA LYS A 180 3.82 13.08 27.25
C LYS A 180 3.22 13.95 26.17
N TYR A 181 3.90 14.02 25.03
CA TYR A 181 3.47 14.87 23.90
C TYR A 181 3.64 14.14 22.57
N TYR A 182 2.69 14.39 21.66
CA TYR A 182 2.78 13.92 20.28
C TYR A 182 2.79 15.13 19.36
N LYS A 183 3.52 15.03 18.25
CA LYS A 183 3.55 16.05 17.22
C LYS A 183 3.35 15.34 15.88
N TYR A 184 2.27 15.68 15.18
CA TYR A 184 1.91 14.98 13.97
C TYR A 184 2.65 15.50 12.75
N ASN A 185 3.26 14.59 12.01
CA ASN A 185 4.03 14.96 10.85
C ASN A 185 3.15 15.35 9.68
N SER A 186 2.16 14.51 9.44
CA SER A 186 1.29 14.63 8.28
C SER A 186 0.12 13.72 8.46
N ALA A 187 -0.85 13.89 7.56
CA ALA A 187 -2.01 13.03 7.51
C ALA A 187 -2.32 12.77 6.04
N ASN A 188 -2.55 11.52 5.67
CA ASN A 188 -3.02 11.11 4.38
C ASN A 188 -4.51 10.86 4.51
N LEU A 189 -5.31 11.75 3.91
CA LEU A 189 -6.78 11.69 4.01
C LEU A 189 -7.32 11.05 2.74
N PHE A 190 -7.84 9.84 2.92
CA PHE A 190 -8.52 9.08 1.87
C PHE A 190 -9.90 9.69 1.74
N THR A 191 -10.31 10.04 0.53
CA THR A 191 -11.61 10.71 0.28
C THR A 191 -12.53 10.02 -0.71
N ASP A 192 -12.04 9.05 -1.47
CA ASP A 192 -12.87 8.41 -2.51
C ASP A 192 -12.18 7.19 -3.06
N LEU A 193 -13.01 6.26 -3.52
CA LEU A 193 -12.56 5.11 -4.31
C LEU A 193 -13.58 4.85 -5.39
N THR A 194 -13.14 4.80 -6.64
CA THR A 194 -14.05 4.55 -7.77
C THR A 194 -14.29 3.07 -7.96
N VAL A 195 -15.40 2.73 -8.63
CA VAL A 195 -15.63 1.34 -8.97
C VAL A 195 -14.54 0.80 -9.90
N GLN A 196 -14.03 1.62 -10.81
CA GLN A 196 -12.97 1.18 -11.71
C GLN A 196 -11.70 0.81 -10.94
N SER A 197 -11.38 1.61 -9.92
CA SER A 197 -10.18 1.34 -9.11
C SER A 197 -10.41 0.10 -8.25
N LEU A 198 -11.63 -0.06 -7.75
CA LEU A 198 -11.99 -1.23 -7.01
C LEU A 198 -11.76 -2.48 -7.82
N CYS A 199 -12.25 -2.46 -9.05
CA CYS A 199 -12.12 -3.61 -9.92
C CYS A 199 -10.67 -3.86 -10.33
N ARG A 200 -9.89 -2.80 -10.58
CA ARG A 200 -8.46 -2.98 -10.84
C ARG A 200 -7.78 -3.64 -9.66
N GLY A 201 -8.17 -3.22 -8.47
CA GLY A 201 -7.57 -3.77 -7.27
C GLY A 201 -7.86 -5.23 -7.04
N ILE A 202 -9.07 -5.66 -7.41
CA ILE A 202 -9.39 -7.08 -7.43
C ILE A 202 -8.50 -7.84 -8.44
N GLU A 203 -8.41 -7.34 -9.69
CA GLU A 203 -7.57 -7.96 -10.71
C GLU A 203 -6.12 -8.09 -10.26
N ASN A 204 -5.64 -7.06 -9.57
CA ASN A 204 -4.23 -6.99 -9.11
C ASN A 204 -3.89 -7.91 -7.95
N GLY A 205 -4.93 -8.43 -7.29
CA GLY A 205 -4.80 -9.28 -6.11
C GLY A 205 -4.75 -8.52 -4.80
N ASP A 206 -4.99 -7.22 -4.85
CA ASP A 206 -4.94 -6.34 -3.69
C ASP A 206 -6.24 -6.18 -2.94
N ILE A 207 -7.35 -6.48 -3.59
CA ILE A 207 -8.68 -6.37 -2.96
C ILE A 207 -9.30 -7.74 -3.01
N LYS A 208 -9.84 -8.21 -1.90
CA LYS A 208 -10.31 -9.57 -1.80
C LYS A 208 -11.80 -9.55 -1.63
N VAL A 209 -12.45 -10.62 -2.07
CA VAL A 209 -13.89 -10.82 -1.93
C VAL A 209 -14.04 -12.00 -0.96
N ASP A 210 -14.49 -11.69 0.24
CA ASP A 210 -14.60 -12.67 1.35
C ASP A 210 -16.04 -13.19 1.43
N ILE A 211 -16.25 -14.35 0.87
CA ILE A 211 -17.57 -15.01 0.85
C ILE A 211 -17.71 -15.72 2.18
N ARG A 212 -18.77 -15.41 2.92
CA ARG A 212 -19.01 -16.00 4.25
C ARG A 212 -20.49 -16.27 4.36
N ILE A 213 -20.90 -17.36 3.75
CA ILE A 213 -22.29 -17.73 3.68
C ILE A 213 -22.54 -18.93 4.62
N GLY A 214 -23.29 -18.69 5.66
CA GLY A 214 -23.59 -19.72 6.63
C GLY A 214 -24.99 -20.23 6.49
N ALA A 215 -25.37 -21.00 7.50
CA ALA A 215 -26.70 -21.56 7.62
C ALA A 215 -27.17 -21.51 9.08
N TYR A 216 -28.41 -21.15 9.28
CA TYR A 216 -28.99 -21.20 10.62
C TYR A 216 -29.01 -22.65 11.11
N HIS A 217 -28.66 -22.88 12.37
CA HIS A 217 -28.68 -24.27 12.87
C HIS A 217 -29.99 -24.65 13.54
N SER A 218 -30.79 -23.67 13.97
CA SER A 218 -32.03 -23.94 14.70
C SER A 218 -33.17 -22.95 14.39
N GLY A 219 -34.35 -23.31 14.89
CA GLY A 219 -35.55 -22.49 14.78
C GLY A 219 -36.32 -22.75 13.51
N LYS A 220 -37.22 -21.83 13.18
CA LYS A 220 -37.99 -21.90 11.95
C LYS A 220 -37.08 -21.67 10.73
N LYS A 221 -35.97 -20.95 10.92
CA LYS A 221 -35.01 -20.73 9.83
C LYS A 221 -33.94 -21.83 9.71
N LYS A 222 -34.06 -22.89 10.50
CA LYS A 222 -33.07 -23.96 10.50
C LYS A 222 -32.74 -24.45 9.09
N GLY A 223 -31.45 -24.51 8.78
CA GLY A 223 -30.99 -25.03 7.50
C GLY A 223 -30.97 -23.99 6.40
N LYS A 224 -31.48 -22.79 6.66
CA LYS A 224 -31.57 -21.77 5.61
C LYS A 224 -30.40 -20.82 5.66
N THR A 225 -30.21 -20.07 4.58
CA THR A 225 -29.03 -19.21 4.45
C THR A 225 -28.91 -18.11 5.51
N HIS A 226 -27.73 -18.01 6.10
CA HIS A 226 -27.41 -16.96 7.06
C HIS A 226 -26.18 -16.24 6.50
N ASP A 227 -26.38 -15.06 5.97
CA ASP A 227 -25.33 -14.36 5.24
C ASP A 227 -25.45 -12.87 5.52
N HIS A 228 -24.39 -12.22 5.98
CA HIS A 228 -24.41 -10.76 6.22
C HIS A 228 -23.89 -9.95 5.03
N GLY A 229 -23.55 -10.63 3.93
CA GLY A 229 -23.10 -9.99 2.71
C GLY A 229 -21.64 -10.34 2.48
N THR A 230 -21.33 -10.60 1.24
CA THR A 230 -19.94 -10.81 0.83
C THR A 230 -19.13 -9.54 1.04
N ALA A 231 -17.99 -9.66 1.68
CA ALA A 231 -17.25 -8.48 2.13
C ALA A 231 -16.13 -8.19 1.11
N PHE A 232 -15.97 -6.91 0.75
CA PHE A 232 -14.94 -6.44 -0.13
C PHE A 232 -13.90 -5.80 0.73
N ARG A 233 -12.71 -6.41 0.79
CA ARG A 233 -11.71 -6.11 1.81
C ARG A 233 -10.37 -5.76 1.21
N ILE A 234 -9.67 -4.87 1.91
CA ILE A 234 -8.37 -4.37 1.45
C ILE A 234 -7.52 -4.02 2.68
N ASN A 235 -6.24 -4.29 2.58
CA ASN A 235 -5.27 -3.83 3.59
C ASN A 235 -5.28 -2.32 3.61
N MET A 236 -5.24 -1.73 4.79
CA MET A 236 -5.49 -0.31 4.91
C MET A 236 -4.38 0.52 4.27
N GLU A 237 -3.13 0.11 4.39
CA GLU A 237 -2.06 0.82 3.64
C GLU A 237 -2.29 0.73 2.17
N LYS A 238 -2.67 -0.46 1.73
CA LYS A 238 -2.88 -0.69 0.34
C LYS A 238 -3.92 0.21 -0.26
N LEU A 239 -4.90 0.62 0.52
CA LEU A 239 -5.91 1.56 0.07
C LEU A 239 -5.33 2.91 -0.43
N LEU A 240 -4.18 3.34 0.09
CA LEU A 240 -3.51 4.53 -0.40
C LEU A 240 -2.98 4.40 -1.81
N GLU A 241 -2.90 3.18 -2.33
CA GLU A 241 -2.55 2.98 -3.75
C GLU A 241 -3.72 3.25 -4.68
N TYR A 242 -4.92 2.94 -4.21
CA TYR A 242 -6.13 2.97 -5.04
C TYR A 242 -7.05 4.17 -4.87
N GLY A 243 -7.02 4.79 -3.69
CA GLY A 243 -8.00 5.82 -3.37
C GLY A 243 -7.53 7.20 -3.78
N GLU A 244 -8.45 8.14 -3.79
CA GLU A 244 -8.11 9.56 -3.87
C GLU A 244 -7.62 9.93 -2.48
N VAL A 245 -6.43 10.52 -2.39
CA VAL A 245 -5.82 10.80 -1.10
C VAL A 245 -5.23 12.21 -1.11
N LYS A 246 -5.55 13.00 -0.09
CA LYS A 246 -5.01 14.32 0.11
C LYS A 246 -3.93 14.25 1.21
N VAL A 247 -2.74 14.74 0.92
CA VAL A 247 -1.66 14.74 1.89
C VAL A 247 -1.69 16.13 2.54
N ILE A 248 -1.84 16.15 3.84
CA ILE A 248 -1.93 17.34 4.64
C ILE A 248 -0.68 17.39 5.53
N VAL A 249 0.12 18.43 5.37
CA VAL A 249 1.41 18.51 6.04
C VAL A 249 1.64 19.84 6.78
N TYR B 7 11.56 10.38 -22.68
CA TYR B 7 10.91 9.33 -23.52
C TYR B 7 9.66 8.80 -22.81
N LEU B 8 9.17 9.57 -21.85
CA LEU B 8 8.04 9.16 -21.04
C LEU B 8 6.77 9.02 -21.88
N ASN B 9 6.47 9.98 -22.76
CA ASN B 9 5.25 9.87 -23.58
C ASN B 9 5.26 8.59 -24.44
N LEU B 10 6.40 8.28 -25.03
CA LEU B 10 6.49 7.10 -25.87
C LEU B 10 6.44 5.79 -25.07
N LEU B 11 7.01 5.80 -23.85
CA LEU B 11 6.94 4.66 -22.96
C LEU B 11 5.49 4.37 -22.56
N LYS B 12 4.73 5.40 -22.24
CA LYS B 12 3.30 5.25 -22.02
C LYS B 12 2.55 4.66 -23.23
N GLU B 13 2.91 5.08 -24.42
CA GLU B 13 2.28 4.53 -25.61
C GLU B 13 2.61 3.05 -25.78
N ALA B 14 3.86 2.70 -25.51
CA ALA B 14 4.30 1.31 -25.59
C ALA B 14 3.57 0.42 -24.57
N ILE B 15 3.42 0.89 -23.34
CA ILE B 15 2.74 0.10 -22.31
C ILE B 15 1.26 -0.08 -22.65
N GLN B 16 0.64 0.99 -23.16
CA GLN B 16 -0.73 0.93 -23.68
C GLN B 16 -0.91 -0.17 -24.71
N ASN B 17 0.08 -0.32 -25.60
CA ASN B 17 -0.01 -1.40 -26.60
C ASN B 17 0.11 -2.81 -26.06
N VAL B 18 0.72 -2.94 -24.90
CA VAL B 18 0.76 -4.23 -24.24
C VAL B 18 -0.56 -4.52 -23.48
N VAL B 19 -1.02 -3.56 -22.70
CA VAL B 19 -2.23 -3.69 -21.89
C VAL B 19 -3.52 -3.72 -22.69
N ASP B 20 -3.51 -3.13 -23.88
CA ASP B 20 -4.63 -3.19 -24.80
C ASP B 20 -4.30 -4.16 -25.96
N GLY B 21 -3.33 -5.07 -25.72
CA GLY B 21 -2.91 -6.05 -26.72
C GLY B 21 -3.56 -7.43 -26.71
N GLY B 22 -4.38 -7.71 -25.71
CA GLY B 22 -4.97 -9.03 -25.57
C GLY B 22 -3.97 -10.14 -25.31
N TRP B 23 -4.34 -11.36 -25.68
CA TRP B 23 -3.53 -12.52 -25.35
C TRP B 23 -2.24 -12.58 -26.16
N HIS B 24 -1.15 -12.94 -25.49
CA HIS B 24 0.13 -13.16 -26.13
C HIS B 24 0.71 -14.50 -25.64
N GLU B 25 1.14 -15.33 -26.58
CA GLU B 25 1.75 -16.61 -26.27
C GLU B 25 3.11 -16.38 -25.58
N THR B 26 3.40 -17.21 -24.59
CA THR B 26 4.63 -17.09 -23.83
C THR B 26 5.37 -18.43 -23.82
N LYS B 27 6.66 -18.38 -24.13
CA LYS B 27 7.56 -19.52 -23.95
C LYS B 27 7.97 -19.60 -22.48
N GLY B 33 8.45 -14.82 -15.84
CA GLY B 33 7.50 -15.33 -16.83
C GLY B 33 6.45 -14.27 -17.21
N ILE B 34 5.61 -13.90 -16.24
CA ILE B 34 4.65 -12.81 -16.42
C ILE B 34 5.39 -11.52 -16.72
N GLY B 35 6.34 -11.19 -15.85
CA GLY B 35 7.13 -9.99 -16.03
C GLY B 35 8.06 -10.07 -17.23
N LYS B 36 8.67 -11.21 -17.46
CA LYS B 36 9.63 -11.30 -18.59
C LYS B 36 8.94 -11.27 -19.97
N THR B 37 7.71 -11.75 -20.06
CA THR B 37 6.95 -11.64 -21.30
C THR B 37 6.58 -10.18 -21.56
N PHE B 38 6.28 -9.46 -20.48
CA PHE B 38 5.97 -8.05 -20.61
C PHE B 38 7.17 -7.28 -21.23
N GLU B 39 8.37 -7.59 -20.73
CA GLU B 39 9.62 -7.01 -21.22
C GLU B 39 9.81 -7.32 -22.70
N ASP B 40 9.52 -8.56 -23.09
CA ASP B 40 9.65 -8.94 -24.50
C ASP B 40 8.70 -8.12 -25.40
N LEU B 41 7.48 -7.88 -24.91
CA LEU B 41 6.51 -7.11 -25.66
C LEU B 41 6.91 -5.62 -25.78
N LEU B 42 7.51 -5.07 -24.72
CA LEU B 42 8.02 -3.69 -24.79
C LEU B 42 9.17 -3.58 -25.77
N GLU B 43 9.95 -4.65 -25.89
CA GLU B 43 11.05 -4.67 -26.83
C GLU B 43 10.55 -4.46 -28.25
N LYS B 44 9.43 -5.10 -28.57
CA LYS B 44 8.83 -4.93 -29.88
C LYS B 44 8.34 -3.50 -30.11
N GLU B 45 7.84 -2.82 -29.08
CA GLU B 45 7.44 -1.40 -29.19
C GLU B 45 8.57 -0.40 -29.49
N GLU B 46 9.82 -0.77 -29.17
CA GLU B 46 10.97 0.08 -29.54
C GLU B 46 11.01 0.36 -31.06
N ASP B 47 10.78 -0.65 -31.89
CA ASP B 47 10.81 -0.45 -33.33
C ASP B 47 9.47 0.11 -33.83
N ASN B 48 8.38 -0.22 -33.13
CA ASN B 48 7.06 0.28 -33.52
C ASN B 48 6.93 1.79 -33.32
N LEU B 49 7.53 2.31 -32.26
CA LEU B 49 7.43 3.72 -31.91
C LEU B 49 8.72 4.45 -32.21
N ASP B 50 9.70 3.73 -32.76
CA ASP B 50 11.02 4.27 -33.07
C ASP B 50 11.59 5.04 -31.88
N ALA B 51 11.68 4.34 -30.75
CA ALA B 51 12.18 4.85 -29.48
C ALA B 51 13.21 3.87 -28.90
N PRO B 52 14.31 4.37 -28.35
CA PRO B 52 15.29 3.57 -27.60
C PRO B 52 14.94 3.02 -26.20
N ASP B 53 15.63 1.93 -25.86
CA ASP B 53 15.89 1.55 -24.46
C ASP B 53 14.70 1.49 -23.51
N PHE B 54 13.57 0.98 -23.98
CA PHE B 54 12.50 0.57 -23.07
C PHE B 54 12.92 -0.60 -22.18
N HIS B 55 14.11 -1.16 -22.39
CA HIS B 55 14.59 -2.24 -21.53
C HIS B 55 15.15 -1.77 -20.15
N ASP B 56 15.29 -0.45 -19.93
CA ASP B 56 15.73 0.09 -18.63
C ASP B 56 14.71 -0.01 -17.48
N ILE B 57 13.48 -0.31 -17.84
CA ILE B 57 12.38 -0.32 -16.88
C ILE B 57 12.38 -1.63 -16.10
N GLU B 58 12.16 -1.55 -14.78
CA GLU B 58 12.01 -2.73 -13.94
C GLU B 58 10.52 -3.11 -13.91
N ILE B 59 10.24 -4.40 -14.02
CA ILE B 59 8.87 -4.92 -14.14
C ILE B 59 8.59 -5.86 -12.97
N LYS B 60 7.49 -5.64 -12.25
CA LYS B 60 7.07 -6.56 -11.21
C LYS B 60 5.58 -6.69 -11.28
N THR B 61 5.02 -7.78 -10.79
CA THR B 61 3.58 -7.82 -10.52
C THR B 61 3.31 -7.20 -9.16
N HIS B 62 2.05 -6.98 -8.85
CA HIS B 62 1.74 -6.43 -7.55
C HIS B 62 2.13 -7.40 -6.43
N GLU B 63 1.96 -8.70 -6.69
CA GLU B 63 2.29 -9.75 -5.76
C GLU B 63 3.80 -9.78 -5.53
N THR B 64 4.61 -9.73 -6.59
CA THR B 64 6.07 -9.74 -6.40
C THR B 64 6.61 -8.40 -5.87
N ALA B 65 5.99 -7.29 -6.25
CA ALA B 65 6.39 -5.98 -5.71
C ALA B 65 6.19 -5.96 -4.18
N ALA B 66 5.15 -6.63 -3.68
CA ALA B 66 4.86 -6.58 -2.25
C ALA B 66 5.96 -7.25 -1.42
N LYS B 67 6.71 -8.11 -2.07
CA LYS B 67 7.76 -8.92 -1.44
C LYS B 67 9.14 -8.59 -2.01
N SER B 68 9.34 -7.37 -2.49
CA SER B 68 10.61 -6.92 -3.04
C SER B 68 10.98 -5.58 -2.47
N LEU B 69 12.30 -5.36 -2.32
CA LEU B 69 12.81 -4.10 -1.87
C LEU B 69 13.57 -3.44 -3.02
N LEU B 70 13.50 -2.12 -3.06
CA LEU B 70 14.18 -1.32 -4.06
C LEU B 70 15.07 -0.32 -3.35
N THR B 71 16.32 -0.28 -3.78
CA THR B 71 17.22 0.80 -3.42
C THR B 71 17.00 1.94 -4.38
N LEU B 72 16.49 3.04 -3.86
CA LEU B 72 16.25 4.23 -4.66
C LEU B 72 17.54 4.84 -5.11
N PHE B 73 18.49 4.89 -4.20
CA PHE B 73 19.84 5.44 -4.43
C PHE B 73 20.68 5.18 -3.17
N THR B 74 21.98 5.31 -3.30
CA THR B 74 22.90 5.31 -2.16
C THR B 74 23.55 6.68 -2.10
N LYS B 75 23.81 7.13 -0.88
CA LYS B 75 24.44 8.42 -0.65
C LYS B 75 24.95 8.49 0.79
N SER B 76 26.19 8.95 0.93
CA SER B 76 26.78 9.17 2.27
C SER B 76 26.33 10.53 2.80
N PRO B 77 26.33 10.73 4.11
CA PRO B 77 25.95 12.04 4.64
C PRO B 77 26.81 13.18 4.06
N THR B 78 26.22 14.37 3.98
CA THR B 78 26.80 15.66 3.58
C THR B 78 27.72 16.25 4.60
N ASN B 79 27.40 16.01 5.87
CA ASN B 79 28.01 16.70 7.02
C ASN B 79 28.13 15.69 8.11
N PRO B 80 29.27 15.62 8.82
CA PRO B 80 30.46 16.43 8.57
C PRO B 80 31.24 15.91 7.36
N ARG B 81 32.38 16.55 7.07
CA ARG B 81 33.12 16.20 5.87
C ARG B 81 33.61 14.76 5.91
N GLY B 82 33.93 14.27 7.10
CA GLY B 82 34.39 12.88 7.29
C GLY B 82 33.35 11.99 7.97
N ALA B 83 32.09 12.15 7.56
CA ALA B 83 30.98 11.50 8.27
C ALA B 83 31.13 9.97 8.42
N ASN B 84 31.46 9.27 7.35
CA ASN B 84 31.52 7.82 7.40
C ASN B 84 32.63 7.29 8.31
N THR B 85 33.82 7.86 8.20
CA THR B 85 34.92 7.49 9.06
C THR B 85 34.61 7.84 10.51
N MET B 86 34.06 9.03 10.71
CA MET B 86 33.67 9.45 12.05
C MET B 86 32.70 8.42 12.64
N LEU B 87 31.65 8.09 11.91
CA LEU B 87 30.60 7.26 12.44
C LEU B 87 31.09 5.86 12.76
N ARG B 88 31.81 5.25 11.84
CA ARG B 88 32.18 3.87 12.09
C ARG B 88 33.08 3.74 13.31
N ASN B 89 33.99 4.71 13.50
CA ASN B 89 34.91 4.62 14.63
C ASN B 89 34.33 5.11 15.95
N ARG B 90 33.36 6.03 15.92
CA ARG B 90 32.78 6.56 17.12
C ARG B 90 31.58 5.80 17.65
N TYR B 91 30.66 5.46 16.76
CA TYR B 91 29.42 4.79 17.17
C TYR B 91 29.26 3.38 16.63
N GLY B 92 30.14 2.95 15.74
CA GLY B 92 30.08 1.58 15.25
C GLY B 92 30.74 0.60 16.19
N LYS B 93 31.02 -0.60 15.68
CA LYS B 93 31.54 -1.68 16.52
C LYS B 93 32.78 -2.30 15.91
N LYS B 94 33.56 -2.93 16.75
CA LYS B 94 34.79 -3.52 16.33
C LYS B 94 34.51 -4.73 15.46
N ASP B 95 35.27 -4.82 14.39
CA ASP B 95 35.27 -5.98 13.51
C ASP B 95 36.75 -6.42 13.51
N GLU B 96 37.25 -6.93 12.40
CA GLU B 96 38.60 -7.48 12.35
C GLU B 96 39.60 -6.53 11.69
N TYR B 97 40.87 -6.83 11.92
CA TYR B 97 41.99 -6.18 11.24
C TYR B 97 42.01 -4.68 11.46
N GLY B 98 41.57 -4.30 12.66
CA GLY B 98 41.60 -2.91 13.13
C GLY B 98 40.48 -2.07 12.60
N ASN B 99 39.53 -2.66 11.89
CA ASN B 99 38.44 -1.90 11.29
C ASN B 99 37.16 -2.05 12.09
N ASN B 100 36.38 -0.98 12.08
CA ASN B 100 35.06 -0.94 12.70
C ASN B 100 34.00 -0.93 11.60
N ILE B 101 32.77 -1.35 11.94
CA ILE B 101 31.66 -1.27 11.01
C ILE B 101 30.48 -0.58 11.63
N LEU B 102 29.59 -0.03 10.78
N LEU B 102 29.59 -0.03 10.78
CA LEU B 102 28.27 0.42 11.22
CA LEU B 102 28.28 0.42 11.21
C LEU B 102 27.29 0.01 10.12
C LEU B 102 27.29 0.01 10.12
N HIS B 103 26.50 -1.02 10.41
CA HIS B 103 25.54 -1.52 9.46
C HIS B 103 24.24 -1.72 10.21
N GLN B 104 23.27 -0.83 9.95
CA GLN B 104 21.95 -0.89 10.62
C GLN B 104 20.87 -0.32 9.72
N THR B 105 19.67 -0.90 9.72
CA THR B 105 18.50 -0.35 9.05
C THR B 105 17.86 0.64 10.03
N VAL B 106 17.84 1.89 9.63
CA VAL B 106 17.32 2.99 10.47
C VAL B 106 16.01 3.54 9.90
N SER B 107 15.03 3.73 10.79
N SER B 107 15.04 3.74 10.79
CA SER B 107 13.71 4.23 10.43
CA SER B 107 13.71 4.22 10.43
C SER B 107 13.55 5.66 10.94
C SER B 107 13.56 5.65 10.94
N GLY B 108 12.57 6.36 10.40
CA GLY B 108 12.22 7.68 10.82
C GLY B 108 11.14 7.77 11.83
N ASN B 109 10.49 6.65 12.16
N ASN B 109 10.49 6.64 12.16
CA ASN B 109 9.36 6.65 13.08
CA ASN B 109 9.36 6.66 13.08
C ASN B 109 9.66 6.02 14.43
C ASN B 109 9.68 6.03 14.44
N ARG B 110 10.70 5.19 14.51
CA ARG B 110 11.08 4.55 15.77
C ARG B 110 12.61 4.43 15.77
N LYS B 111 13.21 4.43 16.94
CA LYS B 111 14.65 4.22 17.03
C LYS B 111 14.93 2.72 16.99
N THR B 112 16.14 2.34 16.58
CA THR B 112 16.51 0.96 16.63
C THR B 112 16.67 0.46 18.07
N ASN B 113 16.67 -0.86 18.20
CA ASN B 113 17.23 -1.55 19.36
C ASN B 113 18.43 -2.31 18.80
N SER B 114 19.56 -1.60 18.75
CA SER B 114 20.76 -2.09 18.08
C SER B 114 21.56 -2.88 19.10
N ASN B 115 21.16 -4.14 19.34
CA ASN B 115 21.74 -5.00 20.40
C ASN B 115 23.24 -5.30 20.36
N SER B 116 23.86 -5.26 19.17
CA SER B 116 25.29 -5.49 19.06
C SER B 116 26.09 -4.20 19.07
N TYR B 117 25.39 -3.07 19.05
CA TYR B 117 26.03 -1.76 19.18
C TYR B 117 25.78 -1.16 20.55
N ASN B 118 26.59 -0.18 20.90
CA ASN B 118 26.43 0.58 22.15
C ASN B 118 25.55 1.83 22.00
N TYR B 119 25.00 2.02 20.79
CA TYR B 119 24.11 3.15 20.46
C TYR B 119 22.97 2.67 19.62
N ASP B 120 21.87 3.43 19.67
CA ASP B 120 20.68 3.20 18.84
C ASP B 120 20.53 4.42 17.91
N PHE B 121 19.69 4.28 16.89
CA PHE B 121 19.67 5.23 15.80
C PHE B 121 18.26 5.46 15.28
N LYS B 122 18.00 6.71 14.82
CA LYS B 122 16.74 7.09 14.21
C LYS B 122 17.03 8.16 13.18
N ILE B 123 16.16 8.33 12.20
CA ILE B 123 16.28 9.41 11.23
C ILE B 123 15.25 10.44 11.62
N ASP B 124 15.61 11.71 11.50
CA ASP B 124 14.65 12.79 11.72
C ASP B 124 14.77 13.77 10.57
N ILE B 125 13.63 14.23 10.06
CA ILE B 125 13.61 15.18 8.99
C ILE B 125 13.55 16.57 9.58
N ASP B 126 14.57 17.38 9.27
CA ASP B 126 14.62 18.76 9.71
C ASP B 126 14.12 19.60 8.55
N TRP B 127 12.80 19.84 8.50
CA TRP B 127 12.21 20.51 7.36
C TRP B 127 12.63 21.98 7.29
N GLU B 128 12.83 22.59 8.45
CA GLU B 128 13.27 23.98 8.51
C GLU B 128 14.67 24.22 7.90
N SER B 129 15.59 23.32 8.21
CA SER B 129 16.94 23.38 7.70
C SER B 129 17.09 22.67 6.38
N GLN B 130 16.07 21.97 5.93
CA GLN B 130 16.14 21.17 4.72
C GLN B 130 17.30 20.17 4.76
N VAL B 131 17.37 19.43 5.86
CA VAL B 131 18.34 18.35 5.99
C VAL B 131 17.68 17.16 6.62
N VAL B 132 18.20 15.98 6.34
CA VAL B 132 17.76 14.75 6.98
C VAL B 132 18.85 14.40 7.99
N ARG B 133 18.49 14.29 9.26
CA ARG B 133 19.46 14.05 10.30
C ARG B 133 19.47 12.62 10.77
N LEU B 134 20.66 12.14 11.08
CA LEU B 134 20.86 10.87 11.81
C LEU B 134 20.87 11.21 13.30
N GLU B 135 19.95 10.64 14.07
CA GLU B 135 19.91 10.78 15.51
C GLU B 135 20.55 9.58 16.15
N VAL B 136 21.54 9.79 17.04
CA VAL B 136 22.26 8.77 17.74
C VAL B 136 21.83 8.87 19.19
N PHE B 137 21.47 7.73 19.76
CA PHE B 137 21.00 7.61 21.16
C PHE B 137 21.90 6.71 21.96
N ASP B 138 22.21 7.09 23.19
CA ASP B 138 22.78 6.15 24.15
C ASP B 138 21.75 5.16 24.64
N LYS B 139 22.22 4.14 25.36
CA LYS B 139 21.32 3.06 25.81
C LYS B 139 20.36 3.46 26.93
N GLN B 140 20.51 4.66 27.47
CA GLN B 140 19.55 5.23 28.38
C GLN B 140 18.56 6.15 27.68
N ASP B 141 18.48 6.05 26.35
CA ASP B 141 17.45 6.72 25.53
C ASP B 141 17.63 8.22 25.37
N ILE B 142 18.85 8.70 25.58
CA ILE B 142 19.16 10.12 25.41
C ILE B 142 19.76 10.33 24.03
N MET B 143 19.22 11.31 23.30
CA MET B 143 19.72 11.67 21.98
C MET B 143 20.97 12.51 22.17
N ILE B 144 22.11 11.93 21.82
CA ILE B 144 23.41 12.52 22.07
C ILE B 144 24.03 13.22 20.87
N ASP B 145 23.55 12.95 19.66
CA ASP B 145 24.16 13.49 18.44
C ASP B 145 23.18 13.47 17.28
N ASN B 146 22.85 14.65 16.76
CA ASN B 146 21.96 14.75 15.59
C ASN B 146 22.56 15.61 14.50
N SER B 147 23.90 15.72 14.50
CA SER B 147 24.61 16.65 13.62
C SER B 147 25.16 16.02 12.34
N VAL B 148 25.05 14.72 12.18
CA VAL B 148 25.30 14.07 10.88
C VAL B 148 24.02 14.21 10.06
N TYR B 149 24.15 14.69 8.83
CA TYR B 149 23.00 14.93 7.98
C TYR B 149 23.28 14.81 6.51
N TRP B 150 22.17 14.67 5.75
CA TRP B 150 22.14 14.68 4.32
C TRP B 150 21.32 15.92 3.93
N SER B 151 21.90 16.78 3.11
CA SER B 151 21.14 17.93 2.63
C SER B 151 20.03 17.48 1.71
N PHE B 152 18.90 18.18 1.73
CA PHE B 152 17.86 17.90 0.72
C PHE B 152 18.40 18.03 -0.70
N ASP B 153 19.27 18.99 -0.97
CA ASP B 153 19.77 19.16 -2.35
C ASP B 153 20.58 17.93 -2.77
N SER B 154 21.35 17.35 -1.86
CA SER B 154 22.06 16.15 -2.22
C SER B 154 21.14 15.01 -2.56
N LEU B 155 20.04 14.87 -1.80
CA LEU B 155 19.11 13.79 -2.02
C LEU B 155 18.37 14.04 -3.33
N GLN B 156 18.00 15.29 -3.59
CA GLN B 156 17.40 15.64 -4.87
C GLN B 156 18.31 15.30 -6.05
N ASN B 157 19.60 15.56 -5.90
CA ASN B 157 20.54 15.25 -6.97
C ASN B 157 20.59 13.75 -7.24
N GLN B 158 20.54 12.95 -6.19
CA GLN B 158 20.59 11.52 -6.36
C GLN B 158 19.33 11.03 -7.01
N LEU B 159 18.19 11.57 -6.61
CA LEU B 159 16.92 11.20 -7.23
C LEU B 159 16.99 11.48 -8.72
N ASP B 160 17.41 12.68 -9.10
CA ASP B 160 17.56 13.04 -10.53
C ASP B 160 18.46 12.08 -11.29
N LYS B 161 19.51 11.59 -10.64
CA LYS B 161 20.53 10.82 -11.33
C LYS B 161 20.19 9.34 -11.36
N LYS B 162 19.50 8.84 -10.34
CA LYS B 162 19.46 7.40 -10.12
C LYS B 162 18.07 6.79 -10.22
N LEU B 163 17.01 7.59 -10.19
CA LEU B 163 15.66 7.03 -10.28
C LEU B 163 15.47 6.37 -11.64
N LYS B 164 14.80 5.23 -11.63
CA LYS B 164 14.38 4.50 -12.82
C LYS B 164 12.88 4.27 -12.87
N TYR B 165 12.37 4.08 -14.07
CA TYR B 165 10.99 3.66 -14.28
C TYR B 165 10.77 2.26 -13.73
N ILE B 166 9.65 2.10 -13.04
CA ILE B 166 9.21 0.80 -12.58
C ILE B 166 7.75 0.69 -12.96
N ALA B 167 7.40 -0.45 -13.54
CA ALA B 167 5.99 -0.76 -13.87
C ALA B 167 5.58 -1.96 -13.01
N VAL B 168 4.51 -1.76 -12.26
CA VAL B 168 3.88 -2.81 -11.47
C VAL B 168 2.62 -3.20 -12.23
N ILE B 169 2.55 -4.47 -12.57
CA ILE B 169 1.58 -4.95 -13.55
C ILE B 169 0.74 -6.06 -12.98
N SER B 170 -0.36 -6.36 -13.66
CA SER B 170 -0.98 -7.63 -13.42
C SER B 170 -1.42 -8.27 -14.72
N ALA B 171 -1.61 -9.57 -14.62
CA ALA B 171 -1.98 -10.37 -15.78
C ALA B 171 -2.87 -11.52 -15.42
N GLU B 172 -3.69 -11.92 -16.38
CA GLU B 172 -4.32 -13.24 -16.40
C GLU B 172 -3.59 -14.21 -17.32
N SER B 173 -3.85 -15.50 -17.11
CA SER B 173 -3.23 -16.54 -17.92
C SER B 173 -4.26 -17.56 -18.37
N LYS B 174 -3.95 -18.22 -19.48
CA LYS B 174 -4.73 -19.34 -19.97
C LYS B 174 -3.84 -20.34 -20.70
N ILE B 175 -4.31 -21.59 -20.73
CA ILE B 175 -3.72 -22.65 -21.55
C ILE B 175 -4.76 -23.01 -22.61
N GLU B 176 -4.37 -22.95 -23.88
CA GLU B 176 -5.28 -23.25 -24.99
C GLU B 176 -4.51 -23.88 -26.13
N ASN B 177 -4.95 -25.07 -26.55
CA ASN B 177 -4.27 -25.85 -27.58
C ASN B 177 -2.80 -26.08 -27.20
N GLU B 178 -2.60 -26.49 -25.95
CA GLU B 178 -1.28 -26.89 -25.43
C GLU B 178 -0.27 -25.73 -25.27
N LYS B 179 -0.75 -24.50 -25.43
CA LYS B 179 0.14 -23.33 -25.40
C LYS B 179 -0.26 -22.39 -24.27
N LYS B 180 0.72 -21.65 -23.74
CA LYS B 180 0.46 -20.74 -22.62
C LYS B 180 0.40 -19.29 -23.11
N TYR B 181 -0.55 -18.53 -22.59
CA TYR B 181 -0.77 -17.13 -22.97
C TYR B 181 -0.94 -16.22 -21.74
N TYR B 182 -0.46 -14.97 -21.83
CA TYR B 182 -0.73 -13.93 -20.84
C TYR B 182 -1.50 -12.77 -21.49
N LYS B 183 -2.40 -12.17 -20.71
CA LYS B 183 -3.06 -10.92 -21.04
C LYS B 183 -2.87 -10.00 -19.85
N TYR B 184 -2.42 -8.79 -20.09
CA TYR B 184 -2.08 -7.84 -19.04
C TYR B 184 -3.28 -6.93 -18.81
N ASN B 185 -3.68 -6.79 -17.56
CA ASN B 185 -4.87 -6.05 -17.17
C ASN B 185 -4.65 -4.53 -17.13
N SER B 186 -3.49 -4.14 -16.60
CA SER B 186 -3.12 -2.76 -16.36
C SER B 186 -1.66 -2.70 -15.96
N ALA B 187 -1.13 -1.48 -15.92
CA ALA B 187 0.21 -1.20 -15.45
C ALA B 187 0.20 0.11 -14.66
N ASN B 188 0.84 0.11 -13.50
CA ASN B 188 1.05 1.29 -12.68
C ASN B 188 2.48 1.69 -12.91
N LEU B 189 2.69 2.77 -13.63
CA LEU B 189 4.03 3.22 -14.00
C LEU B 189 4.51 4.29 -13.04
N PHE B 190 5.54 3.96 -12.27
CA PHE B 190 6.20 4.90 -11.37
C PHE B 190 7.12 5.76 -12.24
N THR B 191 6.97 7.09 -12.13
CA THR B 191 7.75 8.03 -12.96
C THR B 191 8.56 9.07 -12.20
N ASP B 192 8.33 9.23 -10.90
CA ASP B 192 9.07 10.25 -10.16
C ASP B 192 8.81 10.07 -8.68
N LEU B 193 9.78 10.51 -7.88
CA LEU B 193 9.61 10.66 -6.45
C LEU B 193 10.26 11.98 -6.06
N THR B 194 9.50 12.84 -5.39
CA THR B 194 10.05 14.11 -4.95
C THR B 194 10.84 13.92 -3.65
N VAL B 195 11.75 14.85 -3.40
CA VAL B 195 12.44 14.84 -2.12
C VAL B 195 11.49 14.99 -0.93
N GLN B 196 10.45 15.80 -1.07
CA GLN B 196 9.46 15.94 -0.01
C GLN B 196 8.77 14.62 0.26
N SER B 197 8.39 13.91 -0.79
CA SER B 197 7.72 12.61 -0.63
C SER B 197 8.66 11.55 -0.02
N LEU B 198 9.92 11.56 -0.45
CA LEU B 198 10.92 10.70 0.18
C LEU B 198 11.02 10.93 1.66
N CYS B 199 11.06 12.19 2.07
CA CYS B 199 11.24 12.51 3.50
C CYS B 199 9.99 12.19 4.29
N ARG B 200 8.80 12.37 3.72
CA ARG B 200 7.56 12.01 4.40
C ARG B 200 7.58 10.48 4.58
N GLY B 201 8.01 9.75 3.53
CA GLY B 201 8.10 8.32 3.63
C GLY B 201 9.02 7.82 4.74
N ILE B 202 10.13 8.52 4.93
CA ILE B 202 11.02 8.20 6.07
C ILE B 202 10.34 8.47 7.39
N GLU B 203 9.77 9.66 7.59
CA GLU B 203 9.17 9.92 8.86
C GLU B 203 7.93 9.03 9.12
N ASN B 204 7.29 8.53 8.07
CA ASN B 204 6.13 7.65 8.23
C ASN B 204 6.47 6.21 8.59
N GLY B 205 7.73 5.83 8.41
CA GLY B 205 8.22 4.47 8.66
C GLY B 205 8.24 3.58 7.44
N ASP B 206 7.92 4.18 6.28
CA ASP B 206 7.80 3.45 5.03
C ASP B 206 9.07 3.40 4.20
N ILE B 207 10.00 4.30 4.45
CA ILE B 207 11.25 4.34 3.68
C ILE B 207 12.40 4.26 4.69
N LYS B 208 13.35 3.38 4.44
CA LYS B 208 14.42 3.11 5.44
C LYS B 208 15.75 3.59 4.91
N VAL B 209 16.63 3.94 5.84
CA VAL B 209 17.98 4.34 5.57
C VAL B 209 18.88 3.24 6.11
N ASP B 210 19.42 2.45 5.21
CA ASP B 210 20.29 1.32 5.58
C ASP B 210 21.71 1.83 5.57
N ILE B 211 22.23 2.09 6.77
CA ILE B 211 23.60 2.57 6.93
C ILE B 211 24.47 1.38 6.75
N ARG B 212 25.47 1.52 5.86
CA ARG B 212 26.34 0.44 5.45
C ARG B 212 27.73 1.06 5.37
N ILE B 213 28.45 1.07 6.48
CA ILE B 213 29.78 1.64 6.55
C ILE B 213 30.73 0.57 7.01
N GLY B 214 31.73 0.36 6.19
CA GLY B 214 32.78 -0.60 6.47
C GLY B 214 32.48 -2.02 5.98
N ALA B 215 33.47 -2.88 6.16
CA ALA B 215 33.42 -4.30 5.77
C ALA B 215 32.76 -4.54 4.40
N GLY B 229 27.44 2.05 -0.62
CA GLY B 229 27.27 2.48 0.74
C GLY B 229 25.82 2.63 1.22
N THR B 230 25.57 3.66 2.01
CA THR B 230 24.25 3.83 2.69
C THR B 230 23.11 3.97 1.71
N ALA B 231 22.08 3.15 1.89
CA ALA B 231 21.05 2.94 0.89
C ALA B 231 19.70 3.42 1.41
N PHE B 232 19.01 4.18 0.56
CA PHE B 232 17.65 4.64 0.83
C PHE B 232 16.70 3.64 0.16
N ARG B 233 15.92 2.91 0.96
CA ARG B 233 15.22 1.72 0.44
C ARG B 233 13.73 1.73 0.77
N ILE B 234 12.98 1.07 -0.10
CA ILE B 234 11.53 1.02 0.03
C ILE B 234 10.98 -0.28 -0.52
N ASN B 235 9.97 -0.81 0.14
CA ASN B 235 9.16 -1.90 -0.42
C ASN B 235 8.55 -1.47 -1.72
N MET B 236 8.56 -2.28 -2.78
CA MET B 236 8.19 -1.80 -4.13
C MET B 236 6.70 -1.45 -4.27
N GLU B 237 5.82 -2.16 -3.57
CA GLU B 237 4.42 -1.78 -3.56
C GLU B 237 4.28 -0.43 -2.93
N LYS B 238 5.02 -0.21 -1.83
CA LYS B 238 4.86 1.01 -1.09
C LYS B 238 5.26 2.19 -1.92
N LEU B 239 6.12 1.98 -2.92
CA LEU B 239 6.48 3.02 -3.87
C LEU B 239 5.28 3.65 -4.57
N LEU B 240 4.18 2.91 -4.75
CA LEU B 240 2.95 3.41 -5.35
C LEU B 240 2.13 4.34 -4.42
N GLU B 241 2.49 4.38 -3.17
CA GLU B 241 1.96 5.39 -2.25
C GLU B 241 2.62 6.73 -2.37
N TYR B 242 3.92 6.75 -2.67
CA TYR B 242 4.75 7.97 -2.60
C TYR B 242 5.12 8.60 -3.92
N GLY B 243 5.18 7.79 -4.95
CA GLY B 243 5.62 8.22 -6.27
C GLY B 243 4.50 8.84 -7.08
N GLU B 244 4.92 9.62 -8.09
CA GLU B 244 4.07 9.97 -9.22
C GLU B 244 3.87 8.68 -10.00
N VAL B 245 2.61 8.29 -10.15
CA VAL B 245 2.22 7.04 -10.78
C VAL B 245 1.18 7.31 -11.86
N LYS B 246 1.42 6.75 -13.03
CA LYS B 246 0.45 6.77 -14.12
C LYS B 246 -0.20 5.39 -14.24
N VAL B 247 -1.53 5.33 -14.14
CA VAL B 247 -2.27 4.07 -14.31
C VAL B 247 -2.62 3.97 -15.79
N ILE B 248 -2.11 2.92 -16.42
CA ILE B 248 -2.33 2.65 -17.81
C ILE B 248 -3.19 1.42 -17.99
N VAL B 249 -4.35 1.59 -18.64
CA VAL B 249 -5.39 0.56 -18.70
C VAL B 249 -5.90 0.37 -20.13
CL CL C . 3.84 22.45 6.50
CL CL D . -2.93 20.29 22.87
CD CD E . 2.08 4.35 4.31
CD CD F . -13.68 -14.45 5.93
CD CD G . -10.62 -11.86 -17.73
CD CD H . 11.69 16.12 14.41
CD CD I . -18.04 15.33 18.00
CD CD J . -21.84 16.70 17.79
CD CD K . 2.41 22.25 8.28
CD CD L . -26.90 -12.84 11.80
CD CD M . -2.73 21.34 20.72
CD CD N . -18.57 28.36 18.38
C ACT O . 22.80 -6.12 11.27
O ACT O . 21.62 -6.29 11.67
OXT ACT O . 23.71 -6.44 12.04
CH3 ACT O . 23.10 -5.53 9.94
C ACT P . 21.76 -5.51 16.13
O ACT P . 21.81 -5.58 14.88
OXT ACT P . 22.64 -4.78 16.65
CH3 ACT P . 20.69 -6.20 16.89
CD CD Q . -0.50 -3.02 -5.68
CD CD R . 21.23 -3.93 5.73
CD CD S . 15.86 -2.93 -26.14
CD CD T . 22.53 -7.57 13.59
CD CD U . -7.65 0.03 -22.41
#